data_2IW1
#
_entry.id   2IW1
#
_cell.length_a   50.718
_cell.length_b   88.352
_cell.length_c   89.342
_cell.angle_alpha   90.00
_cell.angle_beta   90.00
_cell.angle_gamma   90.00
#
_symmetry.space_group_name_H-M   'P 21 21 21'
#
loop_
_entity.id
_entity.type
_entity.pdbx_description
1 polymer 'LIPOPOLYSACCHARIDE CORE BIOSYNTHESIS PROTEIN RFAG'
2 non-polymer "URIDINE-5'-DIPHOSPHATE-2-DEOXY-2-FLUORO-ALPHA-D-GLUCOSE"
3 water water
#
_entity_poly.entity_id   1
_entity_poly.type   'polypeptide(L)'
_entity_poly.pdbx_seq_one_letter_code
;MIVAFCLYKYFPFGGLQRDFMRIASTVAARGHHVRVYTQSWEGDCPKAFELIQVPVKSHTNHGRNAEYYAWVQNHLKEHP
ADRVVGFNKMPGLDVYFAADVCYAEKVAQEKGFLYRLTSRYRHYAAFERATFEQGKSTKLMMLTDKQIADFQKHYQTEPE
RFQILPPGIYPDRKYSEQIPNSREIYRQKNGIKEQQNLLLQVGSDFGRKGVDRSIEALASLPESLRHNTLLFVVGQDKPR
KFEALAEKLGVRSNVHFFSGRNDVSELMAAADLLLHPAYQEAAGIVLLEAITAGLPVLTTAVCGYAHYIADANCGTVIAE
PFSQEQLNEVLRKALTQSPLRMAWAENARHYADTQDLYSLPEKAADIITGGLDG
;
_entity_poly.pdbx_strand_id   A
#
loop_
_chem_comp.id
_chem_comp.type
_chem_comp.name
_chem_comp.formula
U2F non-polymer URIDINE-5'-DIPHOSPHATE-2-DEOXY-2-FLUORO-ALPHA-D-GLUCOSE 'C15 H23 F N2 O16 P2'
#
# COMPACT_ATOMS: atom_id res chain seq x y z
N ILE A 2 -9.82 18.62 -19.61
CA ILE A 2 -9.89 17.13 -19.58
C ILE A 2 -8.61 16.56 -19.00
N VAL A 3 -8.75 15.85 -17.88
CA VAL A 3 -7.62 15.19 -17.25
C VAL A 3 -7.81 13.69 -17.37
N ALA A 4 -6.88 13.04 -18.07
CA ALA A 4 -6.94 11.60 -18.28
C ALA A 4 -6.05 10.92 -17.26
N PHE A 5 -6.58 9.87 -16.66
CA PHE A 5 -5.86 9.07 -15.69
C PHE A 5 -5.61 7.70 -16.27
N CYS A 6 -4.38 7.20 -16.11
CA CYS A 6 -4.04 5.87 -16.59
C CYS A 6 -3.58 5.00 -15.44
N LEU A 7 -4.28 3.89 -15.23
CA LEU A 7 -3.82 2.84 -14.31
C LEU A 7 -4.26 1.53 -14.92
N TYR A 8 -3.42 0.51 -14.80
CA TYR A 8 -3.71 -0.75 -15.47
C TYR A 8 -4.97 -1.42 -14.96
N LYS A 9 -5.14 -1.41 -13.64
CA LYS A 9 -6.27 -2.10 -13.01
C LYS A 9 -6.84 -1.31 -11.84
N TYR A 10 -8.16 -1.11 -11.86
CA TYR A 10 -8.83 -0.57 -10.69
C TYR A 10 -9.55 -1.67 -9.93
N PHE A 11 -9.35 -1.69 -8.62
CA PHE A 11 -10.16 -2.50 -7.70
C PHE A 11 -10.06 -1.82 -6.33
N PRO A 12 -11.01 -2.10 -5.42
CA PRO A 12 -11.03 -1.31 -4.19
C PRO A 12 -9.96 -1.59 -3.12
N PHE A 13 -9.17 -2.63 -3.30
CA PHE A 13 -8.37 -3.16 -2.18
C PHE A 13 -6.85 -3.02 -2.37
N GLY A 14 -6.48 -1.95 -3.06
CA GLY A 14 -5.06 -1.62 -3.29
C GLY A 14 -4.83 -0.16 -3.00
N GLY A 15 -3.64 0.16 -2.47
CA GLY A 15 -3.26 1.54 -2.19
C GLY A 15 -3.18 2.40 -3.45
N LEU A 16 -2.55 1.86 -4.49
CA LEU A 16 -2.41 2.59 -5.76
C LEU A 16 -3.80 3.04 -6.25
N GLN A 17 -4.74 2.11 -6.19
CA GLN A 17 -6.11 2.32 -6.63
C GLN A 17 -6.86 3.30 -5.74
N ARG A 18 -6.66 3.18 -4.42
CA ARG A 18 -7.32 4.10 -3.48
C ARG A 18 -6.77 5.52 -3.55
N ASP A 19 -5.45 5.62 -3.75
CA ASP A 19 -4.85 6.93 -3.98
C ASP A 19 -5.35 7.54 -5.27
N PHE A 20 -5.35 6.77 -6.36
CA PHE A 20 -5.97 7.23 -7.61
C PHE A 20 -7.41 7.71 -7.39
N MET A 21 -8.23 6.93 -6.69
CA MET A 21 -9.63 7.31 -6.55
C MET A 21 -9.74 8.66 -5.84
N ARG A 22 -8.97 8.84 -4.78
CA ARG A 22 -9.05 10.08 -4.01
C ARG A 22 -8.50 11.26 -4.80
N ILE A 23 -7.40 11.05 -5.50
CA ILE A 23 -6.83 12.13 -6.31
C ILE A 23 -7.73 12.52 -7.49
N ALA A 24 -8.21 11.53 -8.24
CA ALA A 24 -9.10 11.80 -9.35
C ALA A 24 -10.42 12.43 -8.89
N SER A 25 -10.94 11.99 -7.75
CA SER A 25 -12.16 12.61 -7.22
C SER A 25 -11.94 14.06 -6.83
N THR A 26 -10.77 14.35 -6.28
CA THR A 26 -10.41 15.73 -5.92
C THR A 26 -10.35 16.60 -7.17
N VAL A 27 -9.70 16.09 -8.22
CA VAL A 27 -9.60 16.80 -9.50
C VAL A 27 -10.97 17.04 -10.12
N ALA A 28 -11.81 16.01 -10.17
CA ALA A 28 -13.17 16.17 -10.70
C ALA A 28 -13.95 17.22 -9.92
N ALA A 29 -13.79 17.22 -8.59
CA ALA A 29 -14.56 18.13 -7.72
C ALA A 29 -14.15 19.59 -7.90
N ARG A 30 -12.99 19.81 -8.52
CA ARG A 30 -12.52 21.16 -8.86
C ARG A 30 -13.09 21.62 -10.20
N GLY A 31 -13.89 20.77 -10.85
CA GLY A 31 -14.59 21.15 -12.06
C GLY A 31 -14.01 20.62 -13.36
N HIS A 32 -12.97 19.81 -13.26
CA HIS A 32 -12.34 19.23 -14.46
C HIS A 32 -13.03 17.93 -14.85
N HIS A 33 -12.97 17.61 -16.14
CA HIS A 33 -13.55 16.36 -16.61
C HIS A 33 -12.51 15.25 -16.48
N VAL A 34 -12.85 14.24 -15.70
CA VAL A 34 -11.94 13.13 -15.45
C VAL A 34 -12.26 11.96 -16.36
N ARG A 35 -11.25 11.53 -17.12
CA ARG A 35 -11.33 10.36 -17.97
C ARG A 35 -10.37 9.33 -17.42
N VAL A 36 -10.82 8.08 -17.33
CA VAL A 36 -9.99 6.99 -16.80
C VAL A 36 -9.85 5.90 -17.85
N TYR A 37 -8.61 5.52 -18.15
CA TYR A 37 -8.34 4.35 -18.99
C TYR A 37 -7.82 3.23 -18.11
N THR A 38 -8.48 2.08 -18.15
CA THR A 38 -7.99 0.93 -17.41
C THR A 38 -8.21 -0.36 -18.19
N GLN A 39 -7.42 -1.39 -17.87
CA GLN A 39 -7.66 -2.71 -18.47
C GLN A 39 -8.88 -3.37 -17.84
N SER A 40 -9.09 -3.10 -16.56
CA SER A 40 -10.23 -3.68 -15.84
C SER A 40 -10.59 -2.81 -14.65
N TRP A 41 -11.87 -2.81 -14.31
CA TRP A 41 -12.41 -2.03 -13.22
C TRP A 41 -13.37 -2.88 -12.37
N GLU A 42 -13.00 -3.11 -11.12
CA GLU A 42 -13.85 -3.83 -10.17
C GLU A 42 -14.35 -2.87 -9.12
N GLY A 43 -15.65 -2.93 -8.83
CA GLY A 43 -16.26 -2.07 -7.82
C GLY A 43 -16.94 -0.84 -8.37
N ASP A 44 -17.47 -0.02 -7.46
CA ASP A 44 -18.20 1.18 -7.82
C ASP A 44 -17.32 2.17 -8.57
N CYS A 45 -17.94 2.98 -9.43
CA CYS A 45 -17.24 4.07 -10.12
C CYS A 45 -18.06 5.34 -9.97
N PRO A 46 -17.40 6.44 -9.53
CA PRO A 46 -18.07 7.75 -9.43
C PRO A 46 -18.75 8.11 -10.75
N LYS A 47 -19.97 8.65 -10.65
CA LYS A 47 -20.74 8.94 -11.85
C LYS A 47 -20.09 10.05 -12.69
N ALA A 48 -19.25 10.86 -12.03
CA ALA A 48 -18.52 11.94 -12.69
C ALA A 48 -17.51 11.44 -13.71
N PHE A 49 -16.96 10.25 -13.50
CA PHE A 49 -15.84 9.75 -14.32
C PHE A 49 -16.30 9.20 -15.68
N GLU A 50 -15.55 9.55 -16.72
CA GLU A 50 -15.66 8.90 -18.02
C GLU A 50 -14.71 7.69 -17.97
N LEU A 51 -15.29 6.49 -17.90
CA LEU A 51 -14.52 5.25 -17.72
C LEU A 51 -14.42 4.51 -19.05
N ILE A 52 -13.18 4.31 -19.51
CA ILE A 52 -12.90 3.63 -20.77
C ILE A 52 -12.12 2.36 -20.48
N GLN A 53 -12.71 1.22 -20.85
CA GLN A 53 -12.08 -0.09 -20.72
C GLN A 53 -11.21 -0.32 -21.95
N VAL A 54 -9.94 -0.63 -21.72
CA VAL A 54 -8.99 -0.79 -22.80
C VAL A 54 -8.84 -2.28 -23.13
N PRO A 55 -9.19 -2.69 -24.37
CA PRO A 55 -9.12 -4.11 -24.74
C PRO A 55 -7.67 -4.54 -24.95
N VAL A 56 -7.33 -5.69 -24.36
CA VAL A 56 -6.02 -6.29 -24.52
C VAL A 56 -6.21 -7.79 -24.75
N LYS A 57 -5.19 -8.43 -25.33
CA LYS A 57 -5.30 -9.87 -25.61
C LYS A 57 -4.02 -10.67 -25.35
N SER A 58 -2.93 -9.99 -24.99
CA SER A 58 -1.68 -10.68 -24.67
C SER A 58 -1.86 -11.64 -23.49
N HIS A 59 -0.99 -12.65 -23.43
CA HIS A 59 -1.08 -13.66 -22.39
C HIS A 59 -0.22 -13.37 -21.15
N THR A 60 0.50 -12.25 -21.16
CA THR A 60 1.32 -11.84 -20.02
C THR A 60 0.89 -10.46 -19.53
N ASN A 61 1.14 -10.16 -18.26
CA ASN A 61 0.93 -8.80 -17.75
C ASN A 61 1.72 -7.81 -18.58
N HIS A 62 3.01 -8.09 -18.82
CA HIS A 62 3.86 -7.12 -19.53
C HIS A 62 3.37 -6.88 -20.95
N GLY A 63 2.93 -7.94 -21.62
CA GLY A 63 2.41 -7.82 -22.97
C GLY A 63 1.13 -6.98 -23.01
N ARG A 64 0.25 -7.22 -22.03
CA ARG A 64 -1.02 -6.50 -21.95
C ARG A 64 -0.78 -5.02 -21.65
N ASN A 65 0.22 -4.76 -20.81
CA ASN A 65 0.57 -3.38 -20.47
C ASN A 65 1.05 -2.62 -21.70
N ALA A 66 1.87 -3.27 -22.52
CA ALA A 66 2.30 -2.66 -23.76
C ALA A 66 1.12 -2.38 -24.69
N GLU A 67 0.20 -3.34 -24.83
CA GLU A 67 -0.98 -3.15 -25.65
C GLU A 67 -1.85 -2.00 -25.14
N TYR A 68 -1.96 -1.93 -23.82
CA TYR A 68 -2.74 -0.88 -23.17
C TYR A 68 -2.17 0.49 -23.52
N TYR A 69 -0.85 0.63 -23.39
CA TYR A 69 -0.20 1.89 -23.66
C TYR A 69 -0.46 2.31 -25.12
N ALA A 70 -0.33 1.36 -26.06
CA ALA A 70 -0.52 1.66 -27.47
C ALA A 70 -1.96 2.07 -27.77
N TRP A 71 -2.91 1.38 -27.14
CA TRP A 71 -4.33 1.64 -27.39
C TRP A 71 -4.69 3.01 -26.84
N VAL A 72 -4.22 3.30 -25.63
CA VAL A 72 -4.48 4.60 -25.01
C VAL A 72 -3.89 5.74 -25.83
N GLN A 73 -2.66 5.55 -26.32
CA GLN A 73 -2.05 6.59 -27.15
C GLN A 73 -2.86 6.89 -28.39
N ASN A 74 -3.36 5.84 -29.05
CA ASN A 74 -4.19 6.02 -30.23
C ASN A 74 -5.51 6.72 -29.88
N HIS A 75 -6.10 6.35 -28.75
CA HIS A 75 -7.35 6.98 -28.33
C HIS A 75 -7.11 8.45 -28.05
N LEU A 76 -6.03 8.77 -27.35
CA LEU A 76 -5.66 10.17 -27.08
C LEU A 76 -5.40 10.97 -28.34
N LYS A 77 -4.86 10.32 -29.37
CA LYS A 77 -4.64 10.99 -30.66
C LYS A 77 -5.96 11.52 -31.23
N GLU A 78 -7.02 10.72 -31.13
CA GLU A 78 -8.33 11.08 -31.65
C GLU A 78 -9.17 11.89 -30.67
N HIS A 79 -8.86 11.74 -29.38
CA HIS A 79 -9.64 12.40 -28.33
C HIS A 79 -8.68 13.03 -27.33
N PRO A 80 -8.08 14.17 -27.68
CA PRO A 80 -7.02 14.74 -26.84
C PRO A 80 -7.44 15.10 -25.42
N ALA A 81 -6.49 14.98 -24.49
CA ALA A 81 -6.68 15.38 -23.11
C ALA A 81 -5.72 16.53 -22.84
N ASP A 82 -6.06 17.35 -21.86
CA ASP A 82 -5.20 18.45 -21.47
C ASP A 82 -4.01 18.00 -20.63
N ARG A 83 -4.21 16.95 -19.82
CA ARG A 83 -3.14 16.38 -19.03
C ARG A 83 -3.34 14.88 -18.94
N VAL A 84 -2.24 14.13 -18.95
CA VAL A 84 -2.27 12.68 -18.78
C VAL A 84 -1.49 12.31 -17.51
N VAL A 85 -2.19 11.66 -16.58
CA VAL A 85 -1.65 11.33 -15.26
C VAL A 85 -1.64 9.82 -15.13
N GLY A 86 -0.47 9.26 -14.87
CA GLY A 86 -0.34 7.83 -14.73
C GLY A 86 -0.04 7.35 -13.33
N PHE A 87 -0.62 6.21 -12.98
CA PHE A 87 -0.36 5.56 -11.70
C PHE A 87 0.46 4.31 -11.88
N ASN A 88 0.80 4.04 -13.14
CA ASN A 88 1.77 3.01 -13.48
C ASN A 88 2.76 3.64 -14.44
N LYS A 89 3.98 3.12 -14.42
CA LYS A 89 5.05 3.63 -15.25
C LYS A 89 4.88 3.21 -16.70
N MET A 90 4.82 4.22 -17.57
CA MET A 90 4.67 3.99 -19.00
C MET A 90 5.05 5.28 -19.74
N PRO A 91 5.31 5.20 -21.06
CA PRO A 91 5.56 6.45 -21.79
C PRO A 91 4.31 7.32 -21.88
N GLY A 92 4.52 8.61 -22.15
CA GLY A 92 3.42 9.50 -22.52
C GLY A 92 2.73 10.25 -21.40
N LEU A 93 3.28 10.14 -20.19
CA LEU A 93 2.66 10.78 -19.04
C LEU A 93 3.16 12.20 -18.83
N ASP A 94 2.24 13.09 -18.49
CA ASP A 94 2.59 14.42 -18.02
C ASP A 94 2.93 14.41 -16.54
N VAL A 95 2.27 13.52 -15.79
CA VAL A 95 2.46 13.41 -14.34
C VAL A 95 2.42 11.91 -14.01
N TYR A 96 3.31 11.47 -13.11
CA TYR A 96 3.32 10.08 -12.66
C TYR A 96 3.23 10.09 -11.12
N PHE A 97 2.39 9.21 -10.55
CA PHE A 97 2.32 8.98 -9.11
C PHE A 97 3.08 7.71 -8.74
N ALA A 98 4.13 7.84 -7.92
CA ALA A 98 5.01 6.72 -7.61
C ALA A 98 4.48 5.78 -6.52
N ALA A 99 3.58 4.89 -6.93
CA ALA A 99 3.04 3.89 -6.02
C ALA A 99 3.97 2.70 -5.86
N ASP A 100 4.93 2.57 -6.77
CA ASP A 100 5.79 1.39 -6.81
C ASP A 100 7.20 1.75 -6.41
N VAL A 101 8.00 0.74 -6.05
CA VAL A 101 9.43 0.93 -5.83
C VAL A 101 10.16 1.15 -7.15
N CYS A 102 11.40 1.60 -7.07
CA CYS A 102 12.27 1.66 -8.24
C CYS A 102 12.67 0.26 -8.68
N TYR A 103 12.19 -0.12 -9.87
CA TYR A 103 12.39 -1.46 -10.43
C TYR A 103 13.86 -1.74 -10.72
N ALA A 104 14.56 -0.75 -11.28
CA ALA A 104 15.98 -0.94 -11.59
C ALA A 104 16.77 -1.26 -10.32
N GLU A 105 16.46 -0.58 -9.21
CA GLU A 105 17.12 -0.83 -7.93
C GLU A 105 16.75 -2.20 -7.36
N LYS A 106 15.47 -2.56 -7.41
CA LYS A 106 15.03 -3.89 -6.97
C LYS A 106 15.83 -4.99 -7.69
N VAL A 107 15.88 -4.89 -9.02
CA VAL A 107 16.60 -5.87 -9.84
C VAL A 107 18.10 -5.88 -9.52
N ALA A 108 18.70 -4.69 -9.42
CA ALA A 108 20.12 -4.56 -9.09
C ALA A 108 20.46 -5.22 -7.75
N GLN A 109 19.57 -5.04 -6.77
CA GLN A 109 19.82 -5.55 -5.42
C GLN A 109 19.53 -7.03 -5.26
N GLU A 110 18.51 -7.52 -5.93
CA GLU A 110 17.95 -8.84 -5.60
C GLU A 110 18.10 -9.88 -6.69
N LYS A 111 18.21 -9.43 -7.94
CA LYS A 111 18.12 -10.32 -9.07
C LYS A 111 19.46 -10.48 -9.81
N GLY A 112 19.55 -11.52 -10.61
CA GLY A 112 20.77 -11.83 -11.33
C GLY A 112 20.55 -11.96 -12.81
N PHE A 113 21.48 -12.62 -13.47
CA PHE A 113 21.53 -12.70 -14.91
C PHE A 113 20.28 -13.38 -15.51
N LEU A 114 19.88 -14.52 -14.95
CA LEU A 114 18.74 -15.26 -15.50
C LEU A 114 17.43 -14.48 -15.41
N TYR A 115 17.28 -13.69 -14.35
CA TYR A 115 16.10 -12.84 -14.21
C TYR A 115 16.06 -11.78 -15.31
N ARG A 116 17.22 -11.21 -15.64
CA ARG A 116 17.31 -10.15 -16.63
C ARG A 116 17.24 -10.66 -18.08
N LEU A 117 17.22 -11.98 -18.25
CA LEU A 117 17.09 -12.56 -19.60
C LEU A 117 15.69 -12.44 -20.18
N THR A 118 14.71 -12.15 -19.31
CA THR A 118 13.31 -12.25 -19.68
C THR A 118 12.78 -11.01 -20.41
N SER A 119 11.81 -11.25 -21.28
CA SER A 119 11.06 -10.17 -21.91
C SER A 119 10.31 -9.36 -20.86
N ARG A 120 9.91 -10.01 -19.77
CA ARG A 120 9.25 -9.32 -18.66
C ARG A 120 10.14 -8.23 -18.09
N TYR A 121 11.39 -8.58 -17.79
CA TYR A 121 12.33 -7.59 -17.28
C TYR A 121 12.51 -6.43 -18.26
N ARG A 122 12.77 -6.76 -19.53
CA ARG A 122 13.03 -5.71 -20.52
C ARG A 122 11.87 -4.72 -20.62
N HIS A 123 10.64 -5.23 -20.53
CA HIS A 123 9.47 -4.38 -20.61
C HIS A 123 9.37 -3.45 -19.40
N TYR A 124 9.42 -4.01 -18.20
CA TYR A 124 9.25 -3.17 -17.01
C TYR A 124 10.37 -2.14 -16.90
N ALA A 125 11.59 -2.54 -17.29
CA ALA A 125 12.72 -1.61 -17.27
C ALA A 125 12.52 -0.48 -18.28
N ALA A 126 12.03 -0.83 -19.48
CA ALA A 126 11.80 0.13 -20.54
C ALA A 126 10.69 1.12 -20.18
N PHE A 127 9.63 0.64 -19.54
CA PHE A 127 8.52 1.53 -19.18
C PHE A 127 8.91 2.43 -18.00
N GLU A 128 9.71 1.92 -17.07
CA GLU A 128 10.26 2.77 -16.00
C GLU A 128 11.21 3.83 -16.57
N ARG A 129 12.13 3.38 -17.42
CA ARG A 129 13.06 4.29 -18.11
C ARG A 129 12.32 5.42 -18.83
N ALA A 130 11.27 5.07 -19.57
CA ALA A 130 10.47 6.03 -20.32
C ALA A 130 9.90 7.13 -19.41
N THR A 131 9.62 6.77 -18.17
CA THR A 131 9.00 7.69 -17.23
C THR A 131 10.03 8.60 -16.58
N PHE A 132 11.16 8.03 -16.16
CA PHE A 132 12.14 8.70 -15.30
C PHE A 132 13.40 9.26 -16.00
N GLU A 133 13.70 8.80 -17.21
CA GLU A 133 14.94 9.21 -17.86
C GLU A 133 15.05 10.71 -18.09
N GLN A 134 16.29 11.19 -18.20
CA GLN A 134 16.56 12.58 -18.53
C GLN A 134 15.91 13.00 -19.83
N GLY A 135 15.48 14.26 -19.89
CA GLY A 135 14.91 14.82 -21.10
C GLY A 135 13.40 14.75 -21.17
N LYS A 136 12.80 13.98 -20.26
CA LYS A 136 11.34 13.88 -20.22
C LYS A 136 10.77 14.98 -19.34
N SER A 137 9.54 15.39 -19.63
CA SER A 137 8.89 16.48 -18.90
C SER A 137 8.05 15.99 -17.73
N THR A 138 7.86 14.68 -17.64
CA THR A 138 6.93 14.08 -16.68
C THR A 138 7.25 14.53 -15.26
N LYS A 139 6.25 15.10 -14.59
CA LYS A 139 6.36 15.47 -13.19
C LYS A 139 6.18 14.22 -12.34
N LEU A 140 6.99 14.08 -11.30
CA LEU A 140 7.13 12.81 -10.59
C LEU A 140 6.70 13.01 -9.14
N MET A 141 5.51 12.51 -8.81
CA MET A 141 4.96 12.70 -7.49
C MET A 141 5.34 11.51 -6.62
N MET A 142 6.17 11.78 -5.63
CA MET A 142 6.85 10.74 -4.88
C MET A 142 6.31 10.55 -3.47
N LEU A 143 6.53 9.36 -2.91
CA LEU A 143 6.06 9.08 -1.56
C LEU A 143 7.20 9.12 -0.54
N THR A 144 8.40 8.73 -0.96
CA THR A 144 9.53 8.71 -0.02
C THR A 144 10.84 9.24 -0.61
N ASP A 145 11.69 9.73 0.28
CA ASP A 145 13.04 10.13 -0.10
C ASP A 145 13.87 8.98 -0.65
N LYS A 146 13.62 7.78 -0.12
CA LYS A 146 14.29 6.56 -0.59
C LYS A 146 13.96 6.29 -2.06
N GLN A 147 12.69 6.43 -2.43
CA GLN A 147 12.31 6.34 -3.83
C GLN A 147 13.14 7.29 -4.68
N ILE A 148 13.19 8.58 -4.29
CA ILE A 148 13.92 9.58 -5.06
C ILE A 148 15.40 9.20 -5.23
N ALA A 149 16.03 8.77 -4.14
CA ALA A 149 17.44 8.37 -4.15
C ALA A 149 17.64 7.24 -5.16
N ASP A 150 16.77 6.24 -5.12
CA ASP A 150 16.85 5.11 -6.04
C ASP A 150 16.74 5.52 -7.50
N PHE A 151 15.74 6.33 -7.83
CA PHE A 151 15.54 6.79 -9.20
C PHE A 151 16.70 7.66 -9.70
N GLN A 152 17.23 8.52 -8.82
CA GLN A 152 18.39 9.33 -9.17
C GLN A 152 19.61 8.47 -9.47
N LYS A 153 19.78 7.41 -8.70
CA LYS A 153 20.90 6.48 -8.85
C LYS A 153 20.90 5.84 -10.24
N HIS A 154 19.73 5.42 -10.69
CA HIS A 154 19.63 4.66 -11.93
C HIS A 154 19.34 5.47 -13.18
N TYR A 155 18.73 6.66 -13.01
CA TYR A 155 18.31 7.45 -14.16
C TYR A 155 18.86 8.87 -14.23
N GLN A 156 19.49 9.32 -13.15
CA GLN A 156 20.02 10.70 -13.08
C GLN A 156 18.94 11.73 -13.44
N THR A 157 17.71 11.40 -13.05
CA THR A 157 16.55 12.26 -13.27
C THR A 157 16.79 13.67 -12.75
N GLU A 158 16.42 14.66 -13.56
CA GLU A 158 16.50 16.07 -13.17
C GLU A 158 15.79 16.26 -11.83
N PRO A 159 16.52 16.72 -10.79
CA PRO A 159 15.97 16.85 -9.43
C PRO A 159 14.67 17.65 -9.34
N GLU A 160 14.53 18.68 -10.17
CA GLU A 160 13.34 19.55 -10.13
C GLU A 160 12.04 18.82 -10.47
N ARG A 161 12.15 17.68 -11.15
CA ARG A 161 10.97 16.93 -11.58
C ARG A 161 10.31 16.17 -10.44
N PHE A 162 11.06 15.92 -9.38
CA PHE A 162 10.51 15.22 -8.21
C PHE A 162 9.78 16.18 -7.28
N GLN A 163 8.64 15.72 -6.77
CA GLN A 163 7.96 16.41 -5.68
C GLN A 163 7.44 15.37 -4.71
N ILE A 164 7.93 15.42 -3.49
CA ILE A 164 7.46 14.51 -2.45
C ILE A 164 6.11 14.97 -1.93
N LEU A 165 5.20 14.01 -1.77
CA LEU A 165 3.86 14.31 -1.26
C LEU A 165 3.75 13.91 0.21
N PRO A 166 2.91 14.62 0.98
CA PRO A 166 2.58 14.10 2.32
C PRO A 166 1.68 12.87 2.16
N PRO A 167 1.50 12.09 3.24
CA PRO A 167 0.62 10.93 3.10
C PRO A 167 -0.84 11.29 2.84
N GLY A 168 -1.62 10.31 2.41
CA GLY A 168 -3.01 10.56 2.01
C GLY A 168 -3.98 9.56 2.63
N ILE A 169 -3.85 9.35 3.93
CA ILE A 169 -4.70 8.39 4.63
C ILE A 169 -6.16 8.91 4.63
N TYR A 170 -7.11 8.04 4.33
CA TYR A 170 -8.54 8.41 4.36
C TYR A 170 -8.97 8.69 5.81
N PRO A 171 -9.74 9.77 6.02
CA PRO A 171 -10.13 10.17 7.37
C PRO A 171 -11.00 9.15 8.12
N ASP A 172 -11.65 8.24 7.39
CA ASP A 172 -12.56 7.28 8.03
C ASP A 172 -11.85 6.23 8.89
N ARG A 173 -10.52 6.13 8.78
CA ARG A 173 -9.76 5.20 9.61
C ARG A 173 -9.45 5.77 10.99
N LYS A 174 -9.55 7.10 11.13
CA LYS A 174 -9.12 7.78 12.34
C LYS A 174 -9.95 7.38 13.56
N TYR A 175 -9.28 7.19 14.70
CA TYR A 175 -9.98 6.76 15.92
C TYR A 175 -11.15 7.67 16.27
N SER A 176 -10.97 8.97 16.02
CA SER A 176 -11.95 9.99 16.43
C SER A 176 -13.14 10.05 15.48
N GLU A 177 -13.05 9.33 14.37
CA GLU A 177 -14.13 9.22 13.39
C GLU A 177 -14.92 7.93 13.54
N GLN A 178 -14.63 7.17 14.60
CA GLN A 178 -15.37 5.95 14.88
C GLN A 178 -16.57 6.21 15.78
N ILE A 179 -17.57 5.36 15.66
CA ILE A 179 -18.71 5.40 16.57
C ILE A 179 -18.26 5.20 18.03
N PRO A 180 -19.03 5.70 19.01
CA PRO A 180 -18.67 5.38 20.39
C PRO A 180 -18.69 3.87 20.63
N ASN A 181 -17.81 3.41 21.51
CA ASN A 181 -17.71 1.99 21.84
C ASN A 181 -17.28 1.13 20.64
N SER A 182 -16.60 1.76 19.68
CA SER A 182 -16.18 1.05 18.46
C SER A 182 -15.37 -0.23 18.74
N ARG A 183 -14.45 -0.16 19.69
CA ARG A 183 -13.62 -1.33 20.01
C ARG A 183 -14.48 -2.52 20.41
N GLU A 184 -15.38 -2.32 21.37
CA GLU A 184 -16.28 -3.38 21.83
C GLU A 184 -17.23 -3.85 20.72
N ILE A 185 -17.84 -2.90 20.03
CA ILE A 185 -18.82 -3.23 19.01
C ILE A 185 -18.18 -4.05 17.88
N TYR A 186 -17.04 -3.57 17.38
CA TYR A 186 -16.43 -4.22 16.24
C TYR A 186 -15.70 -5.52 16.59
N ARG A 187 -15.23 -5.63 17.83
CA ARG A 187 -14.73 -6.92 18.33
C ARG A 187 -15.86 -7.95 18.36
N GLN A 188 -17.01 -7.56 18.92
CA GLN A 188 -18.16 -8.45 18.97
C GLN A 188 -18.63 -8.86 17.57
N LYS A 189 -18.69 -7.90 16.65
CA LYS A 189 -19.08 -8.15 15.26
C LYS A 189 -18.19 -9.20 14.59
N ASN A 190 -16.91 -9.18 14.95
CA ASN A 190 -15.92 -10.07 14.34
C ASN A 190 -15.59 -11.31 15.17
N GLY A 191 -16.40 -11.55 16.20
CA GLY A 191 -16.26 -12.76 17.03
C GLY A 191 -15.03 -12.79 17.90
N ILE A 192 -14.52 -11.61 18.25
CA ILE A 192 -13.35 -11.49 19.12
C ILE A 192 -13.80 -11.35 20.56
N LYS A 193 -13.31 -12.23 21.42
CA LYS A 193 -13.67 -12.20 22.83
C LYS A 193 -12.86 -11.14 23.57
N GLU A 194 -13.43 -10.66 24.66
CA GLU A 194 -12.84 -9.58 25.44
C GLU A 194 -11.35 -9.80 25.77
N GLN A 195 -10.99 -11.02 26.13
CA GLN A 195 -9.63 -11.31 26.60
C GLN A 195 -8.64 -11.74 25.50
N GLN A 196 -9.14 -11.93 24.27
CA GLN A 196 -8.28 -12.41 23.18
C GLN A 196 -7.42 -11.30 22.60
N ASN A 197 -6.29 -11.70 22.04
CA ASN A 197 -5.41 -10.78 21.32
C ASN A 197 -5.70 -10.91 19.84
N LEU A 198 -6.07 -9.80 19.20
CA LEU A 198 -6.31 -9.79 17.76
C LEU A 198 -5.14 -9.12 17.06
N LEU A 199 -4.40 -9.92 16.30
CA LEU A 199 -3.34 -9.40 15.43
C LEU A 199 -3.95 -9.20 14.04
N LEU A 200 -3.60 -8.08 13.39
CA LEU A 200 -4.23 -7.73 12.12
C LEU A 200 -3.19 -7.45 11.05
N GLN A 201 -3.34 -8.10 9.90
CA GLN A 201 -2.47 -7.82 8.77
C GLN A 201 -3.32 -7.56 7.54
N VAL A 202 -3.13 -6.39 6.93
CA VAL A 202 -4.00 -5.94 5.84
C VAL A 202 -3.14 -5.61 4.63
N GLY A 203 -3.53 -6.14 3.48
CA GLY A 203 -2.82 -5.86 2.23
C GLY A 203 -3.02 -6.97 1.21
N SER A 204 -3.15 -6.58 -0.07
CA SER A 204 -3.49 -7.54 -1.12
C SER A 204 -2.29 -8.19 -1.83
N ASP A 205 -1.18 -8.35 -1.11
CA ASP A 205 -0.04 -9.11 -1.61
C ASP A 205 0.59 -9.80 -0.40
N PHE A 206 0.06 -10.98 -0.08
CA PHE A 206 0.45 -11.68 1.16
C PHE A 206 1.95 -12.00 1.22
N GLY A 207 2.47 -12.54 0.11
CA GLY A 207 3.88 -12.92 0.03
C GLY A 207 4.82 -11.74 0.23
N ARG A 208 4.60 -10.69 -0.56
CA ARG A 208 5.44 -9.49 -0.46
C ARG A 208 5.39 -8.84 0.92
N LYS A 209 4.22 -8.89 1.55
CA LYS A 209 4.01 -8.21 2.82
C LYS A 209 4.36 -9.05 4.05
N GLY A 210 4.91 -10.24 3.84
CA GLY A 210 5.46 -11.02 4.95
C GLY A 210 4.42 -11.70 5.83
N VAL A 211 3.30 -12.10 5.24
CA VAL A 211 2.29 -12.84 6.00
C VAL A 211 2.93 -14.10 6.61
N ASP A 212 3.87 -14.71 5.90
CA ASP A 212 4.60 -15.86 6.45
C ASP A 212 5.32 -15.52 7.75
N ARG A 213 5.96 -14.35 7.79
CA ARG A 213 6.68 -13.88 8.97
C ARG A 213 5.72 -13.67 10.15
N SER A 214 4.53 -13.14 9.84
CA SER A 214 3.51 -12.95 10.88
C SER A 214 3.01 -14.28 11.45
N ILE A 215 2.78 -15.24 10.56
CA ILE A 215 2.37 -16.58 10.99
C ILE A 215 3.46 -17.27 11.82
N GLU A 216 4.71 -17.16 11.38
CA GLU A 216 5.84 -17.70 12.15
C GLU A 216 5.89 -17.06 13.54
N ALA A 217 5.66 -15.75 13.62
CA ALA A 217 5.72 -15.05 14.89
C ALA A 217 4.60 -15.51 15.82
N LEU A 218 3.39 -15.64 15.28
CA LEU A 218 2.27 -16.18 16.04
C LEU A 218 2.60 -17.56 16.60
N ALA A 219 3.17 -18.42 15.74
CA ALA A 219 3.44 -19.80 16.12
C ALA A 219 4.51 -19.91 17.22
N SER A 220 5.37 -18.90 17.30
CA SER A 220 6.47 -18.91 18.26
C SER A 220 6.04 -18.56 19.68
N LEU A 221 4.82 -18.06 19.83
CA LEU A 221 4.35 -17.60 21.13
C LEU A 221 4.22 -18.77 22.08
N PRO A 222 4.48 -18.54 23.39
CA PRO A 222 4.25 -19.59 24.38
C PRO A 222 2.81 -20.10 24.31
N GLU A 223 2.63 -21.36 24.70
CA GLU A 223 1.38 -22.11 24.52
C GLU A 223 0.10 -21.37 24.95
N SER A 224 0.06 -20.87 26.18
CA SER A 224 -1.16 -20.27 26.72
C SER A 224 -1.46 -18.96 26.00
N LEU A 225 -0.41 -18.16 25.79
CA LEU A 225 -0.54 -16.90 25.07
C LEU A 225 -1.02 -17.12 23.64
N ARG A 226 -0.39 -18.08 22.96
CA ARG A 226 -0.76 -18.47 21.61
C ARG A 226 -2.24 -18.88 21.51
N HIS A 227 -2.73 -19.63 22.49
CA HIS A 227 -4.12 -20.10 22.51
C HIS A 227 -5.11 -18.93 22.60
N ASN A 228 -4.65 -17.79 23.15
CA ASN A 228 -5.47 -16.60 23.27
C ASN A 228 -5.23 -15.59 22.16
N THR A 229 -4.51 -15.99 21.12
CA THR A 229 -4.12 -15.05 20.08
C THR A 229 -4.61 -15.47 18.70
N LEU A 230 -5.24 -14.52 18.01
CA LEU A 230 -5.73 -14.73 16.64
C LEU A 230 -5.01 -13.78 15.69
N LEU A 231 -4.89 -14.21 14.43
CA LEU A 231 -4.36 -13.35 13.38
C LEU A 231 -5.38 -13.28 12.25
N PHE A 232 -5.84 -12.07 11.94
CA PHE A 232 -6.65 -11.83 10.75
C PHE A 232 -5.73 -11.39 9.61
N VAL A 233 -5.81 -12.09 8.49
CA VAL A 233 -5.08 -11.75 7.27
C VAL A 233 -6.10 -11.36 6.22
N VAL A 234 -6.02 -10.10 5.77
CA VAL A 234 -7.08 -9.49 4.97
C VAL A 234 -6.51 -8.90 3.69
N GLY A 235 -7.00 -9.37 2.54
CA GLY A 235 -6.64 -8.77 1.26
C GLY A 235 -7.08 -9.59 0.08
N GLN A 236 -7.07 -8.98 -1.10
CA GLN A 236 -7.43 -9.69 -2.33
C GLN A 236 -6.22 -10.46 -2.84
N ASP A 237 -5.95 -11.60 -2.21
CA ASP A 237 -4.87 -12.48 -2.61
C ASP A 237 -5.23 -13.91 -2.19
N LYS A 238 -4.50 -14.89 -2.71
CA LYS A 238 -4.80 -16.30 -2.47
C LYS A 238 -4.16 -16.81 -1.17
N PRO A 239 -4.98 -17.28 -0.22
CA PRO A 239 -4.43 -17.74 1.06
C PRO A 239 -3.69 -19.09 1.06
N ARG A 240 -3.83 -19.88 -0.01
CA ARG A 240 -3.40 -21.29 -0.03
C ARG A 240 -2.03 -21.56 0.62
N LYS A 241 -0.99 -20.89 0.15
CA LYS A 241 0.37 -21.12 0.64
C LYS A 241 0.47 -20.85 2.16
N PHE A 242 -0.28 -19.85 2.61
CA PHE A 242 -0.17 -19.38 3.98
C PHE A 242 -1.02 -20.22 4.92
N GLU A 243 -2.12 -20.76 4.40
CA GLU A 243 -2.89 -21.79 5.11
C GLU A 243 -2.01 -23.02 5.36
N ALA A 244 -1.25 -23.42 4.33
CA ALA A 244 -0.36 -24.58 4.45
C ALA A 244 0.70 -24.34 5.51
N LEU A 245 1.27 -23.12 5.53
CA LEU A 245 2.26 -22.75 6.52
C LEU A 245 1.66 -22.74 7.94
N ALA A 246 0.44 -22.22 8.08
CA ALA A 246 -0.23 -22.19 9.39
C ALA A 246 -0.47 -23.63 9.90
N GLU A 247 -0.91 -24.51 8.99
CA GLU A 247 -1.06 -25.93 9.34
C GLU A 247 0.28 -26.53 9.77
N LYS A 248 1.32 -26.29 8.97
CA LYS A 248 2.68 -26.75 9.30
C LYS A 248 3.07 -26.40 10.74
N LEU A 249 2.78 -25.16 11.13
CA LEU A 249 3.22 -24.63 12.40
C LEU A 249 2.23 -24.87 13.55
N GLY A 250 1.10 -25.50 13.23
CA GLY A 250 0.10 -25.87 14.25
C GLY A 250 -0.75 -24.70 14.73
N VAL A 251 -0.91 -23.69 13.87
CA VAL A 251 -1.72 -22.51 14.20
C VAL A 251 -2.80 -22.21 13.17
N ARG A 252 -3.25 -23.24 12.45
CA ARG A 252 -4.26 -23.03 11.41
C ARG A 252 -5.55 -22.42 11.98
N SER A 253 -5.99 -22.88 13.14
CA SER A 253 -7.22 -22.36 13.77
C SER A 253 -7.06 -20.92 14.27
N ASN A 254 -5.83 -20.50 14.54
CA ASN A 254 -5.56 -19.15 15.05
C ASN A 254 -5.61 -18.12 13.93
N VAL A 255 -5.46 -18.58 12.69
CA VAL A 255 -5.33 -17.67 11.56
C VAL A 255 -6.63 -17.64 10.75
N HIS A 256 -7.15 -16.43 10.52
CA HIS A 256 -8.39 -16.24 9.78
C HIS A 256 -8.06 -15.44 8.53
N PHE A 257 -8.28 -16.03 7.36
CA PHE A 257 -8.04 -15.39 6.06
C PHE A 257 -9.32 -14.84 5.47
N PHE A 258 -9.20 -13.64 4.88
CA PHE A 258 -10.33 -12.98 4.23
C PHE A 258 -9.86 -12.41 2.91
N SER A 259 -10.78 -12.36 1.95
CA SER A 259 -10.56 -11.62 0.71
C SER A 259 -10.60 -10.12 1.00
N GLY A 260 -10.61 -9.29 -0.04
CA GLY A 260 -10.68 -7.85 0.15
C GLY A 260 -11.86 -7.47 1.04
N ARG A 261 -11.61 -6.62 2.04
CA ARG A 261 -12.66 -6.14 2.93
C ARG A 261 -12.79 -4.61 2.90
N ASN A 262 -14.03 -4.14 2.99
CA ASN A 262 -14.32 -2.71 2.99
C ASN A 262 -14.43 -2.12 4.39
N ASP A 263 -14.19 -2.95 5.42
CA ASP A 263 -14.36 -2.56 6.82
C ASP A 263 -13.02 -2.54 7.59
N VAL A 264 -11.93 -2.26 6.87
CA VAL A 264 -10.63 -2.14 7.53
C VAL A 264 -10.61 -1.13 8.67
N SER A 265 -11.39 -0.04 8.57
CA SER A 265 -11.44 0.94 9.66
C SER A 265 -11.97 0.31 10.96
N GLU A 266 -12.97 -0.58 10.82
CA GLU A 266 -13.56 -1.29 11.96
C GLU A 266 -12.57 -2.31 12.53
N LEU A 267 -11.90 -3.02 11.64
CA LEU A 267 -10.89 -4.01 12.07
C LEU A 267 -9.77 -3.34 12.85
N MET A 268 -9.34 -2.16 12.40
CA MET A 268 -8.28 -1.47 13.13
C MET A 268 -8.74 -0.94 14.49
N ALA A 269 -10.04 -0.61 14.61
CA ALA A 269 -10.63 -0.21 15.89
C ALA A 269 -10.70 -1.37 16.84
N ALA A 270 -10.86 -2.57 16.29
CA ALA A 270 -11.00 -3.80 17.07
C ALA A 270 -9.69 -4.45 17.48
N ALA A 271 -8.63 -4.25 16.68
CA ALA A 271 -7.39 -5.01 16.83
C ALA A 271 -6.48 -4.53 17.96
N ASP A 272 -5.54 -5.39 18.34
CA ASP A 272 -4.59 -5.09 19.38
C ASP A 272 -3.22 -4.72 18.84
N LEU A 273 -2.83 -5.36 17.73
CA LEU A 273 -1.60 -4.97 16.99
C LEU A 273 -1.80 -5.10 15.50
N LEU A 274 -1.20 -4.19 14.72
CA LEU A 274 -1.01 -4.39 13.30
C LEU A 274 0.33 -5.09 13.10
N LEU A 275 0.32 -6.19 12.34
CA LEU A 275 1.56 -6.84 11.93
C LEU A 275 1.77 -6.57 10.45
N HIS A 276 2.95 -6.05 10.11
CA HIS A 276 3.26 -5.77 8.71
C HIS A 276 4.74 -5.95 8.42
N PRO A 277 5.23 -7.19 8.52
CA PRO A 277 6.68 -7.42 8.36
C PRO A 277 7.05 -7.64 6.89
N ALA A 278 6.79 -6.64 6.07
CA ALA A 278 6.92 -6.74 4.62
C ALA A 278 8.37 -6.97 4.20
N TYR A 279 8.53 -7.70 3.09
CA TYR A 279 9.81 -7.85 2.40
C TYR A 279 10.09 -6.63 1.53
N GLN A 280 9.04 -6.00 0.99
CA GLN A 280 9.17 -4.86 0.11
C GLN A 280 7.90 -4.02 0.21
N GLU A 281 8.06 -2.71 0.34
CA GLU A 281 6.92 -1.82 0.49
C GLU A 281 7.37 -0.40 0.21
N ALA A 282 6.94 0.15 -0.93
CA ALA A 282 7.33 1.50 -1.30
C ALA A 282 7.00 2.50 -0.22
N ALA A 283 5.81 2.35 0.36
CA ALA A 283 5.39 3.24 1.44
C ALA A 283 4.68 2.43 2.53
N GLY A 284 3.41 2.10 2.29
CA GLY A 284 2.65 1.25 3.22
C GLY A 284 1.59 2.06 3.94
N ILE A 285 0.52 2.37 3.22
CA ILE A 285 -0.58 3.16 3.78
C ILE A 285 -1.13 2.52 5.06
N VAL A 286 -1.23 1.19 5.12
CA VAL A 286 -1.79 0.54 6.33
C VAL A 286 -1.04 0.91 7.61
N LEU A 287 0.26 1.20 7.49
CA LEU A 287 1.05 1.55 8.66
C LEU A 287 0.52 2.85 9.28
N LEU A 288 0.26 3.84 8.44
CA LEU A 288 -0.27 5.12 8.91
C LEU A 288 -1.76 5.06 9.23
N GLU A 289 -2.51 4.21 8.54
CA GLU A 289 -3.89 3.97 8.96
C GLU A 289 -3.94 3.49 10.39
N ALA A 290 -3.06 2.55 10.72
CA ALA A 290 -3.00 2.03 12.08
C ALA A 290 -2.68 3.15 13.07
N ILE A 291 -1.71 4.01 12.74
CA ILE A 291 -1.43 5.19 13.58
C ILE A 291 -2.72 5.98 13.81
N THR A 292 -3.43 6.31 12.75
CA THR A 292 -4.64 7.14 12.92
C THR A 292 -5.73 6.43 13.72
N ALA A 293 -5.74 5.10 13.64
CA ALA A 293 -6.71 4.27 14.39
C ALA A 293 -6.34 4.09 15.86
N GLY A 294 -5.14 4.52 16.26
CA GLY A 294 -4.63 4.23 17.60
C GLY A 294 -4.21 2.79 17.79
N LEU A 295 -3.80 2.16 16.69
CA LEU A 295 -3.42 0.75 16.67
C LEU A 295 -1.89 0.61 16.57
N PRO A 296 -1.24 0.08 17.64
CA PRO A 296 0.22 -0.07 17.58
C PRO A 296 0.65 -1.06 16.51
N VAL A 297 1.89 -0.91 16.04
CA VAL A 297 2.36 -1.53 14.81
C VAL A 297 3.71 -2.23 14.99
N LEU A 298 3.80 -3.46 14.48
CA LEU A 298 5.10 -4.11 14.31
C LEU A 298 5.37 -4.20 12.81
N THR A 299 6.47 -3.63 12.36
CA THR A 299 6.77 -3.62 10.92
C THR A 299 8.29 -3.72 10.69
N THR A 300 8.69 -3.65 9.41
CA THR A 300 10.08 -3.84 9.03
C THR A 300 10.67 -2.56 8.44
N ALA A 301 11.97 -2.40 8.61
CA ALA A 301 12.66 -1.17 8.22
C ALA A 301 12.63 -0.92 6.71
N VAL A 302 12.43 -1.98 5.93
CA VAL A 302 12.39 -1.82 4.47
C VAL A 302 11.17 -1.03 3.97
N CYS A 303 10.13 -0.90 4.81
CA CYS A 303 8.92 -0.19 4.35
C CYS A 303 9.18 1.30 4.32
N GLY A 304 8.78 1.94 3.23
CA GLY A 304 8.97 3.38 3.07
C GLY A 304 8.43 4.19 4.23
N TYR A 305 7.29 3.76 4.78
CA TYR A 305 6.65 4.48 5.87
C TYR A 305 6.97 3.92 7.27
N ALA A 306 7.88 2.94 7.35
CA ALA A 306 8.22 2.39 8.67
C ALA A 306 8.69 3.47 9.64
N HIS A 307 9.45 4.46 9.15
CA HIS A 307 9.98 5.49 10.05
C HIS A 307 8.88 6.19 10.84
N TYR A 308 7.68 6.27 10.28
CA TYR A 308 6.55 6.91 10.97
C TYR A 308 6.16 6.22 12.27
N ILE A 309 6.37 4.90 12.33
CA ILE A 309 6.10 4.15 13.55
C ILE A 309 7.07 4.57 14.65
N ALA A 310 8.33 4.73 14.28
CA ALA A 310 9.33 5.25 15.21
C ALA A 310 9.07 6.72 15.56
N ASP A 311 8.65 7.52 14.56
CA ASP A 311 8.34 8.93 14.79
C ASP A 311 7.19 9.11 15.76
N ALA A 312 6.12 8.33 15.53
CA ALA A 312 4.92 8.35 16.38
C ALA A 312 5.15 7.61 17.67
N ASN A 313 6.23 6.84 17.74
CA ASN A 313 6.56 6.06 18.93
C ASN A 313 5.41 5.14 19.33
N CYS A 314 4.89 4.38 18.36
CA CYS A 314 3.69 3.58 18.57
C CYS A 314 3.87 2.13 18.10
N GLY A 315 5.10 1.64 18.23
CA GLY A 315 5.40 0.26 17.84
C GLY A 315 6.88 0.06 17.66
N THR A 316 7.23 -1.02 16.98
CA THR A 316 8.62 -1.37 16.77
C THR A 316 8.87 -1.63 15.30
N VAL A 317 9.98 -1.06 14.82
CA VAL A 317 10.49 -1.29 13.47
C VAL A 317 11.66 -2.30 13.54
N ILE A 318 11.46 -3.44 12.90
CA ILE A 318 12.43 -4.53 12.87
C ILE A 318 13.50 -4.22 11.83
N ALA A 319 14.76 -4.22 12.27
CA ALA A 319 15.87 -3.80 11.41
C ALA A 319 16.25 -4.84 10.35
N GLU A 320 16.94 -4.37 9.31
CA GLU A 320 17.60 -5.25 8.34
C GLU A 320 19.01 -5.55 8.81
N PRO A 321 19.52 -6.76 8.54
CA PRO A 321 18.78 -7.88 7.92
C PRO A 321 17.73 -8.42 8.87
N PHE A 322 16.61 -8.86 8.32
CA PHE A 322 15.46 -9.28 9.13
C PHE A 322 15.81 -10.48 10.00
N SER A 323 15.45 -10.39 11.28
CA SER A 323 15.56 -11.49 12.21
C SER A 323 14.19 -11.96 12.65
N GLN A 324 13.80 -13.17 12.26
CA GLN A 324 12.52 -13.72 12.71
C GLN A 324 12.49 -13.83 14.23
N GLU A 325 13.61 -14.20 14.83
CA GLU A 325 13.69 -14.27 16.29
C GLU A 325 13.40 -12.92 16.98
N GLN A 326 13.88 -11.81 16.38
CA GLN A 326 13.60 -10.50 16.94
C GLN A 326 12.10 -10.23 16.86
N LEU A 327 11.48 -10.49 15.70
CA LEU A 327 10.04 -10.27 15.58
C LEU A 327 9.27 -11.12 16.61
N ASN A 328 9.68 -12.38 16.77
CA ASN A 328 9.02 -13.27 17.74
C ASN A 328 9.06 -12.71 19.16
N GLU A 329 10.24 -12.28 19.57
CA GLU A 329 10.42 -11.71 20.90
C GLU A 329 9.66 -10.40 21.08
N VAL A 330 9.70 -9.55 20.06
CA VAL A 330 8.98 -8.28 20.10
C VAL A 330 7.47 -8.53 20.24
N LEU A 331 6.95 -9.51 19.49
CA LEU A 331 5.54 -9.85 19.60
C LEU A 331 5.15 -10.36 20.98
N ARG A 332 5.95 -11.28 21.52
CA ARG A 332 5.69 -11.84 22.84
C ARG A 332 5.69 -10.74 23.90
N LYS A 333 6.70 -9.88 23.85
CA LYS A 333 6.81 -8.76 24.78
C LYS A 333 5.61 -7.80 24.70
N ALA A 334 5.28 -7.38 23.48
CA ALA A 334 4.13 -6.48 23.26
C ALA A 334 2.84 -7.09 23.79
N LEU A 335 2.63 -8.38 23.54
CA LEU A 335 1.39 -9.01 23.98
C LEU A 335 1.30 -9.21 25.49
N THR A 336 2.45 -9.43 26.13
CA THR A 336 2.50 -9.64 27.58
C THR A 336 2.62 -8.35 28.39
N GLN A 337 2.87 -7.23 27.70
CA GLN A 337 3.02 -5.95 28.36
C GLN A 337 1.97 -4.96 27.90
N SER A 338 0.76 -5.13 28.40
CA SER A 338 -0.38 -4.29 28.02
C SER A 338 -0.15 -2.80 28.26
N PRO A 339 0.48 -2.41 29.40
CA PRO A 339 0.86 -1.01 29.58
C PRO A 339 1.69 -0.42 28.43
N LEU A 340 2.62 -1.20 27.89
CA LEU A 340 3.42 -0.76 26.73
C LEU A 340 2.52 -0.52 25.51
N ARG A 341 1.64 -1.48 25.21
CA ARG A 341 0.71 -1.34 24.10
C ARG A 341 -0.22 -0.13 24.28
N MET A 342 -0.69 0.09 25.50
CA MET A 342 -1.59 1.21 25.77
C MET A 342 -0.91 2.55 25.57
N ALA A 343 0.35 2.64 25.97
CA ALA A 343 1.16 3.83 25.73
C ALA A 343 1.40 4.05 24.22
N TRP A 344 1.78 2.99 23.52
CA TRP A 344 1.90 3.07 22.07
C TRP A 344 0.61 3.58 21.40
N ALA A 345 -0.53 3.04 21.82
CA ALA A 345 -1.83 3.45 21.25
C ALA A 345 -2.09 4.93 21.48
N GLU A 346 -1.79 5.40 22.69
CA GLU A 346 -1.94 6.80 23.01
C GLU A 346 -1.01 7.66 22.17
N ASN A 347 0.23 7.21 22.01
CA ASN A 347 1.22 7.91 21.21
C ASN A 347 0.76 8.01 19.75
N ALA A 348 0.19 6.91 19.25
CA ALA A 348 -0.37 6.89 17.89
C ALA A 348 -1.45 7.94 17.72
N ARG A 349 -2.40 7.98 18.65
CA ARG A 349 -3.53 8.91 18.56
C ARG A 349 -3.03 10.35 18.59
N HIS A 350 -2.07 10.61 19.49
CA HIS A 350 -1.45 11.93 19.57
C HIS A 350 -0.81 12.35 18.24
N TYR A 351 -0.07 11.43 17.61
CA TYR A 351 0.61 11.74 16.36
C TYR A 351 -0.41 12.03 15.26
N ALA A 352 -1.48 11.23 15.24
CA ALA A 352 -2.53 11.38 14.24
C ALA A 352 -3.25 12.72 14.35
N ASP A 353 -3.26 13.27 15.57
CA ASP A 353 -3.93 14.54 15.86
C ASP A 353 -3.05 15.75 15.58
N THR A 354 -1.77 15.51 15.41
CA THR A 354 -0.80 16.60 15.36
C THR A 354 0.06 16.64 14.11
N GLN A 355 -0.14 15.66 13.22
CA GLN A 355 0.70 15.54 12.01
C GLN A 355 -0.15 15.46 10.76
N ASP A 356 0.37 15.97 9.64
CA ASP A 356 -0.33 15.87 8.36
C ASP A 356 -0.09 14.52 7.70
N LEU A 357 -1.02 13.60 7.93
CA LEU A 357 -0.97 12.27 7.31
C LEU A 357 -2.04 12.15 6.21
N TYR A 358 -2.59 13.28 5.77
CA TYR A 358 -3.88 13.26 5.08
C TYR A 358 -3.95 14.04 3.75
N SER A 359 -3.09 15.04 3.59
CA SER A 359 -3.32 16.03 2.53
C SER A 359 -2.86 15.66 1.12
N LEU A 360 -2.30 14.46 0.96
CA LEU A 360 -1.81 14.00 -0.35
C LEU A 360 -2.72 14.37 -1.54
N PRO A 361 -4.03 14.01 -1.50
CA PRO A 361 -4.82 14.26 -2.70
C PRO A 361 -4.93 15.72 -3.09
N GLU A 362 -4.90 16.62 -2.10
CA GLU A 362 -4.98 18.04 -2.43
C GLU A 362 -3.68 18.51 -3.06
N LYS A 363 -2.56 18.05 -2.53
CA LYS A 363 -1.25 18.42 -3.08
C LYS A 363 -1.03 17.80 -4.47
N ALA A 364 -1.46 16.54 -4.64
CA ALA A 364 -1.39 15.90 -5.96
C ALA A 364 -2.30 16.61 -6.98
N ALA A 365 -3.49 17.00 -6.54
CA ALA A 365 -4.40 17.72 -7.42
C ALA A 365 -3.83 19.08 -7.84
N ASP A 366 -3.14 19.74 -6.91
CA ASP A 366 -2.43 20.99 -7.26
C ASP A 366 -1.42 20.76 -8.38
N ILE A 367 -0.63 19.69 -8.27
CA ILE A 367 0.37 19.39 -9.28
C ILE A 367 -0.30 19.08 -10.63
N ILE A 368 -1.36 18.28 -10.59
CA ILE A 368 -2.04 17.85 -11.80
C ILE A 368 -2.72 19.01 -12.53
N THR A 369 -3.36 19.90 -11.76
CA THR A 369 -4.17 20.97 -12.35
C THR A 369 -3.42 22.29 -12.53
N GLY A 370 -2.16 22.32 -12.12
CA GLY A 370 -1.34 23.54 -12.24
C GLY A 370 -1.24 23.95 -13.69
N GLY A 371 -1.64 25.18 -13.99
CA GLY A 371 -1.56 25.71 -15.34
C GLY A 371 -2.72 25.26 -16.21
C1 U2F B . 0.77 -0.01 -3.04
O1 U2F B . -0.16 -0.27 -1.99
PB U2F B . -0.59 -1.67 -1.33
O1B U2F B . -2.05 -1.92 -1.63
O2B U2F B . 0.41 -2.76 -1.62
O3A U2F B . -0.48 -1.40 0.26
PA U2F B . -0.95 -0.12 1.12
O1A U2F B . -0.08 1.10 0.82
O2A U2F B . -0.99 -0.58 2.54
O5' U2F B . -2.44 0.24 0.63
C5' U2F B . -3.52 -0.67 0.78
C4' U2F B . -4.81 0.14 0.97
O4' U2F B . -5.93 -0.68 0.65
C1' U2F B . -6.76 -0.83 1.80
C2' U2F B . -5.86 -0.49 2.97
C3' U2F B . -5.01 0.62 2.40
O3' U2F B . -5.74 1.85 2.36
O2' U2F B . -6.63 -0.11 4.13
N1 U2F B . -7.27 -2.20 1.86
C6' U2F B . -8.56 -2.40 2.15
O6' U2F B . -9.34 -1.45 2.39
N3 U2F B . -9.04 -3.68 2.21
C7' U2F B . -8.24 -4.74 1.95
O7' U2F B . -8.73 -5.89 2.00
C8' U2F B . -6.92 -4.54 1.63
C9' U2F B . -6.44 -3.23 1.58
C2 U2F B . 2.24 -0.12 -2.64
F1 U2F B . 2.62 -1.44 -2.53
C3 U2F B . 2.46 0.61 -1.31
O3 U2F B . 3.81 0.52 -0.84
C4 U2F B . 2.03 2.07 -1.47
O4 U2F B . 1.86 2.61 -0.15
C5 U2F B . 0.70 2.26 -2.24
C6 U2F B . 0.63 3.69 -2.75
O6 U2F B . -0.61 3.88 -3.46
O5 U2F B . 0.51 1.37 -3.36
#